data_5OO1
#
_entry.id   5OO1
#
_cell.length_a   49.576
_cell.length_b   66.486
_cell.length_c   70.053
_cell.angle_alpha   90.00
_cell.angle_beta   90.00
_cell.angle_gamma   90.00
#
_symmetry.space_group_name_H-M   'P 21 21 21'
#
loop_
_entity.id
_entity.type
_entity.pdbx_description
1 polymer 'Cyclin-dependent kinase 2'
2 non-polymer ~{N}-(4-pyrimidin-2-ylphenyl)propanamide
3 water water
#
_entity_poly.entity_id   1
_entity_poly.type   'polypeptide(L)'
_entity_poly.pdbx_seq_one_letter_code
;GPLGSMENFQKVEKIGEGTYGVVYKARNKLTGEVVALKKIRLDTETEGVPSTAIREISLLKELNHPNIVKLLDVIHTENK
LYLVCEFLHQDLKKFMDASALTGIPLPLIKSYLFQLLQGLAFCHSHRVLHRDLKPQNLLINTEGAIKLADFGLARAFGVP
VRTYTHEVVTLWYRAPEILLGAKYYSTAVDIWSLGCIFAEMVTRRALFPGDSEIDQLFRIFRTLGTPDEVVWPGVTSMPD
YKPSFPKWARQDFSKVVPPLDEDGRSLLSQMLHYDPNKRISAKAALAHPFFQDVTKPVPHLRL
;
_entity_poly.pdbx_strand_id   A
#
loop_
_chem_comp.id
_chem_comp.type
_chem_comp.name
_chem_comp.formula
9Z2 non-polymer ~{N}-(4-pyrimidin-2-ylphenyl)propanamide 'C13 H13 N3 O'
#
# COMPACT_ATOMS: atom_id res chain seq x y z
N PHE A 9 -11.19 23.03 -16.38
CA PHE A 9 -10.03 22.45 -15.65
C PHE A 9 -8.67 22.76 -16.23
N GLN A 10 -7.78 23.24 -15.36
CA GLN A 10 -6.48 23.79 -15.74
C GLN A 10 -5.42 23.29 -14.73
N LYS A 11 -4.27 22.84 -15.27
CA LYS A 11 -3.11 22.43 -14.49
C LYS A 11 -2.69 23.59 -13.58
N VAL A 12 -2.48 23.32 -12.30
CA VAL A 12 -2.05 24.35 -11.38
C VAL A 12 -0.78 23.93 -10.68
N GLU A 13 -0.56 22.63 -10.47
CA GLU A 13 0.73 22.15 -9.99
C GLU A 13 1.03 20.71 -10.30
N LYS A 14 2.32 20.45 -10.54
CA LYS A 14 2.81 19.12 -10.73
C LYS A 14 3.11 18.43 -9.42
N ILE A 15 2.47 17.31 -9.17
CA ILE A 15 2.63 16.70 -7.88
C ILE A 15 3.36 15.36 -7.96
N GLY A 16 3.61 14.87 -9.18
CA GLY A 16 4.34 13.60 -9.33
C GLY A 16 4.81 13.33 -10.74
N GLU A 17 5.96 12.66 -10.87
CA GLU A 17 6.55 12.24 -12.15
C GLU A 17 7.20 10.90 -11.93
N GLY A 18 7.23 10.06 -12.95
CA GLY A 18 7.89 8.75 -12.90
C GLY A 18 7.86 8.10 -14.28
N THR A 19 8.37 6.88 -14.38
CA THR A 19 8.25 6.06 -15.60
C THR A 19 6.83 5.94 -16.22
N TYR A 20 5.78 5.86 -15.39
CA TYR A 20 4.35 5.89 -15.85
C TYR A 20 3.88 7.18 -16.62
N GLY A 21 4.40 8.35 -16.24
CA GLY A 21 4.00 9.68 -16.82
C GLY A 21 4.03 10.79 -15.78
N VAL A 22 2.89 11.45 -15.51
CA VAL A 22 2.92 12.56 -14.56
C VAL A 22 1.54 12.82 -13.95
N VAL A 23 1.55 13.34 -12.74
CA VAL A 23 0.31 13.69 -12.03
C VAL A 23 0.31 15.21 -11.78
N TYR A 24 -0.82 15.84 -12.09
CA TYR A 24 -1.03 17.26 -11.83
C TYR A 24 -2.19 17.47 -10.89
N LYS A 25 -2.09 18.54 -10.10
CA LYS A 25 -3.22 19.15 -9.42
C LYS A 25 -3.85 20.04 -10.48
N ALA A 26 -5.14 19.90 -10.69
CA ALA A 26 -5.87 20.68 -11.68
C ALA A 26 -7.08 21.34 -11.01
N ARG A 27 -7.38 22.57 -11.39
CA ARG A 27 -8.45 23.34 -10.77
C ARG A 27 -9.43 23.75 -11.85
N ASN A 28 -10.71 23.58 -11.57
CA ASN A 28 -11.80 24.16 -12.39
C ASN A 28 -11.88 25.67 -12.10
N LYS A 29 -11.69 26.50 -13.11
CA LYS A 29 -11.54 27.98 -12.90
C LYS A 29 -12.84 28.62 -12.39
N LEU A 30 -13.97 28.11 -12.86
CA LEU A 30 -15.29 28.54 -12.38
C LEU A 30 -15.70 28.02 -11.00
N THR A 31 -15.59 26.72 -10.74
CA THR A 31 -16.14 26.12 -9.48
C THR A 31 -15.12 26.06 -8.33
N GLY A 32 -13.86 26.23 -8.69
CA GLY A 32 -12.77 25.92 -7.79
C GLY A 32 -12.49 24.45 -7.55
N GLU A 33 -13.33 23.53 -8.09
CA GLU A 33 -13.11 22.10 -7.87
C GLU A 33 -11.67 21.79 -8.24
N VAL A 34 -11.05 20.94 -7.42
CA VAL A 34 -9.69 20.52 -7.64
C VAL A 34 -9.68 19.02 -7.67
N VAL A 35 -8.97 18.51 -8.66
CA VAL A 35 -8.84 17.10 -8.92
C VAL A 35 -7.36 16.76 -9.13
N ALA A 36 -7.04 15.47 -9.07
CA ALA A 36 -5.73 14.98 -9.44
C ALA A 36 -5.94 14.38 -10.83
N LEU A 37 -5.01 14.71 -11.74
CA LEU A 37 -5.04 14.27 -13.09
C LEU A 37 -3.76 13.52 -13.39
N LYS A 38 -3.87 12.22 -13.70
CA LYS A 38 -2.69 11.44 -13.93
C LYS A 38 -2.70 11.16 -15.43
N LYS A 39 -1.60 11.52 -16.06
CA LYS A 39 -1.50 11.49 -17.51
C LYS A 39 -0.48 10.42 -17.81
N ILE A 40 -0.89 9.45 -18.65
CA ILE A 40 -0.11 8.19 -18.87
C ILE A 40 0.11 8.00 -20.36
N ARG A 41 1.37 7.94 -20.78
CA ARG A 41 1.71 7.78 -22.20
C ARG A 41 1.56 6.31 -22.53
N LEU A 42 0.77 6.01 -23.56
CA LEU A 42 0.34 4.62 -23.84
C LEU A 42 1.46 3.75 -24.43
N ASP A 43 2.31 4.35 -25.30
CA ASP A 43 3.33 3.61 -26.07
C ASP A 43 2.80 2.34 -26.77
N THR A 44 1.55 2.40 -27.24
CA THR A 44 0.93 1.24 -27.94
C THR A 44 0.84 1.51 -29.43
N GLU A 45 1.72 2.38 -29.93
CA GLU A 45 1.78 2.73 -31.37
C GLU A 45 0.42 3.13 -31.99
N THR A 46 -0.28 4.05 -31.32
CA THR A 46 -1.58 4.57 -31.77
C THR A 46 -2.76 3.57 -31.72
N GLU A 47 -2.50 2.40 -31.16
CA GLU A 47 -3.54 1.40 -30.90
C GLU A 47 -4.47 1.76 -29.73
N GLY A 48 -4.09 2.71 -28.89
CA GLY A 48 -4.93 3.09 -27.76
C GLY A 48 -4.67 2.18 -26.56
N VAL A 49 -5.66 2.12 -25.66
CA VAL A 49 -5.52 1.40 -24.42
C VAL A 49 -6.02 -0.04 -24.64
N PRO A 50 -5.23 -1.08 -24.20
CA PRO A 50 -5.71 -2.48 -24.18
C PRO A 50 -7.08 -2.55 -23.52
N SER A 51 -7.98 -3.31 -24.14
CA SER A 51 -9.36 -3.41 -23.63
C SER A 51 -9.39 -3.97 -22.19
N THR A 52 -8.55 -4.99 -21.93
CA THR A 52 -8.26 -5.50 -20.57
C THR A 52 -8.00 -4.39 -19.53
N ALA A 53 -7.10 -3.46 -19.90
CA ALA A 53 -6.66 -2.34 -19.06
C ALA A 53 -7.82 -1.45 -18.66
N ILE A 54 -8.56 -0.96 -19.67
CA ILE A 54 -9.65 -0.05 -19.43
C ILE A 54 -10.75 -0.75 -18.65
N ARG A 55 -10.96 -2.03 -18.94
CA ARG A 55 -11.97 -2.80 -18.19
C ARG A 55 -11.62 -2.99 -16.72
N GLU A 56 -10.37 -3.40 -16.45
CA GLU A 56 -9.83 -3.46 -15.10
C GLU A 56 -9.92 -2.06 -14.45
N ILE A 57 -9.42 -1.04 -15.15
CA ILE A 57 -9.46 0.32 -14.61
C ILE A 57 -10.88 0.74 -14.33
N SER A 58 -11.78 0.49 -15.28
CA SER A 58 -13.18 0.96 -15.18
C SER A 58 -13.91 0.32 -14.06
N LEU A 59 -13.52 -0.92 -13.73
CA LEU A 59 -14.00 -1.61 -12.57
C LEU A 59 -13.70 -0.86 -11.28
N LEU A 60 -12.55 -0.16 -11.23
CA LEU A 60 -12.15 0.61 -10.03
C LEU A 60 -13.10 1.78 -9.74
N LYS A 61 -13.67 2.33 -10.80
CA LYS A 61 -14.63 3.40 -10.68
C LYS A 61 -15.86 3.04 -9.83
N GLU A 62 -16.10 1.75 -9.66
CA GLU A 62 -17.17 1.26 -8.78
C GLU A 62 -16.90 1.33 -7.29
N LEU A 63 -15.64 1.53 -6.87
CA LEU A 63 -15.32 1.52 -5.45
C LEU A 63 -15.76 2.80 -4.81
N ASN A 64 -16.66 2.68 -3.84
CA ASN A 64 -17.26 3.83 -3.22
C ASN A 64 -17.16 3.70 -1.73
N HIS A 65 -16.05 4.26 -1.21
CA HIS A 65 -15.72 4.10 0.20
C HIS A 65 -14.95 5.30 0.66
N PRO A 66 -15.24 5.79 1.88
CA PRO A 66 -14.53 7.00 2.33
C PRO A 66 -13.03 6.89 2.48
N ASN A 67 -12.49 5.65 2.52
CA ASN A 67 -11.04 5.44 2.60
C ASN A 67 -10.39 5.01 1.27
N ILE A 68 -11.09 5.23 0.17
CA ILE A 68 -10.58 4.97 -1.17
C ILE A 68 -10.67 6.27 -1.93
N VAL A 69 -9.55 6.67 -2.52
CA VAL A 69 -9.53 7.88 -3.35
C VAL A 69 -10.38 7.58 -4.61
N LYS A 70 -11.40 8.38 -4.84
CA LYS A 70 -12.40 8.13 -5.90
C LYS A 70 -11.77 8.35 -7.27
N LEU A 71 -11.89 7.33 -8.13
CA LEU A 71 -11.60 7.45 -9.55
C LEU A 71 -12.82 8.11 -10.18
N LEU A 72 -12.65 9.35 -10.64
CA LEU A 72 -13.75 10.14 -11.12
C LEU A 72 -14.07 9.95 -12.58
N ASP A 73 -13.03 9.73 -13.37
CA ASP A 73 -13.22 9.61 -14.80
C ASP A 73 -11.97 9.10 -15.45
N VAL A 74 -12.21 8.41 -16.57
CA VAL A 74 -11.18 7.87 -17.43
C VAL A 74 -11.37 8.52 -18.80
N ILE A 75 -10.27 8.93 -19.41
CA ILE A 75 -10.32 9.60 -20.69
C ILE A 75 -9.11 9.04 -21.41
N HIS A 76 -9.31 8.57 -22.64
CA HIS A 76 -8.22 8.00 -23.39
C HIS A 76 -8.34 8.28 -24.85
N THR A 77 -7.19 8.46 -25.46
CA THR A 77 -7.10 8.67 -26.89
C THR A 77 -6.22 7.58 -27.51
N GLU A 78 -5.92 7.72 -28.78
CA GLU A 78 -4.93 6.87 -29.40
C GLU A 78 -3.58 6.91 -28.63
N ASN A 79 -3.22 8.07 -28.03
CA ASN A 79 -1.91 8.22 -27.41
C ASN A 79 -1.83 8.12 -25.88
N LYS A 80 -2.88 8.58 -25.17
CA LYS A 80 -2.71 8.91 -23.77
C LYS A 80 -3.91 8.40 -22.98
N LEU A 81 -3.66 7.98 -21.74
CA LEU A 81 -4.71 7.68 -20.79
C LEU A 81 -4.60 8.72 -19.69
N TYR A 82 -5.71 9.38 -19.37
CA TYR A 82 -5.81 10.36 -18.31
C TYR A 82 -6.75 9.82 -17.25
N LEU A 83 -6.28 9.75 -16.00
CA LEU A 83 -7.14 9.36 -14.92
C LEU A 83 -7.40 10.58 -14.13
N VAL A 84 -8.67 10.76 -13.78
CA VAL A 84 -9.05 11.89 -12.97
C VAL A 84 -9.56 11.35 -11.65
N CYS A 85 -8.88 11.74 -10.58
CA CYS A 85 -9.15 11.28 -9.21
C CYS A 85 -9.39 12.48 -8.30
N GLU A 86 -10.08 12.23 -7.20
CA GLU A 86 -10.21 13.15 -6.11
C GLU A 86 -8.82 13.54 -5.61
N PHE A 87 -8.65 14.78 -5.21
CA PHE A 87 -7.32 15.27 -4.81
C PHE A 87 -7.21 15.38 -3.27
N LEU A 88 -6.09 14.95 -2.72
CA LEU A 88 -5.80 15.22 -1.32
C LEU A 88 -4.39 15.82 -1.31
N HIS A 89 -4.10 16.59 -0.27
CA HIS A 89 -2.93 17.47 -0.28
C HIS A 89 -1.59 16.83 -0.06
N GLN A 90 -1.52 15.67 0.60
CA GLN A 90 -0.20 15.13 0.95
C GLN A 90 -0.25 13.65 0.87
N ASP A 91 0.91 13.04 0.65
CA ASP A 91 1.03 11.58 0.76
C ASP A 91 1.76 11.14 2.04
N LEU A 92 1.52 9.91 2.51
CA LEU A 92 2.12 9.38 3.68
C LEU A 92 3.69 9.37 3.62
N LYS A 93 4.25 9.12 2.46
CA LYS A 93 5.73 9.13 2.35
C LYS A 93 6.28 10.48 2.78
N LYS A 94 5.71 11.53 2.17
CA LYS A 94 6.06 12.92 2.46
C LYS A 94 5.89 13.26 3.91
N PHE A 95 4.75 12.87 4.48
CA PHE A 95 4.50 13.05 5.86
C PHE A 95 5.52 12.33 6.80
N MET A 96 5.82 11.08 6.51
CA MET A 96 6.84 10.37 7.32
C MET A 96 8.23 11.01 7.15
N ASP A 97 8.59 11.44 5.95
CA ASP A 97 9.80 12.27 5.79
C ASP A 97 9.80 13.46 6.74
N ALA A 98 8.70 14.23 6.72
CA ALA A 98 8.54 15.41 7.57
C ALA A 98 8.46 15.10 9.07
N SER A 99 8.30 13.84 9.43
CA SER A 99 8.12 13.44 10.83
C SER A 99 9.31 12.58 11.30
N ALA A 100 10.41 12.64 10.54
CA ALA A 100 11.65 11.86 10.79
C ALA A 100 12.16 11.81 12.24
N LEU A 101 12.15 12.96 12.94
CA LEU A 101 12.74 13.01 14.28
C LEU A 101 11.78 12.57 15.35
N THR A 102 10.61 13.20 15.45
CA THR A 102 9.70 12.87 16.57
C THR A 102 8.79 11.70 16.26
N GLY A 103 8.72 11.29 14.98
CA GLY A 103 7.84 10.22 14.56
C GLY A 103 6.38 10.64 14.50
N ILE A 104 5.58 9.79 13.89
CA ILE A 104 4.13 9.96 13.87
C ILE A 104 3.62 9.50 15.22
N PRO A 105 2.80 10.32 15.88
CA PRO A 105 2.21 9.86 17.14
C PRO A 105 1.50 8.52 17.01
N LEU A 106 1.68 7.65 18.01
CA LEU A 106 1.05 6.34 18.03
C LEU A 106 -0.48 6.41 17.85
N PRO A 107 -1.17 7.39 18.47
CA PRO A 107 -2.61 7.36 18.22
C PRO A 107 -2.94 7.63 16.77
N LEU A 108 -2.06 8.31 16.06
CA LEU A 108 -2.32 8.63 14.64
C LEU A 108 -1.96 7.44 13.75
N ILE A 109 -0.92 6.73 14.13
CA ILE A 109 -0.57 5.48 13.40
C ILE A 109 -1.78 4.55 13.56
N LYS A 110 -2.23 4.45 14.78
CA LYS A 110 -3.39 3.61 15.05
C LYS A 110 -4.58 3.95 14.18
N SER A 111 -4.96 5.22 14.16
CA SER A 111 -6.10 5.70 13.36
C SER A 111 -5.91 5.44 11.90
N TYR A 112 -4.70 5.71 11.39
CA TYR A 112 -4.46 5.48 9.95
C TYR A 112 -4.55 4.01 9.57
N LEU A 113 -4.00 3.15 10.42
CA LEU A 113 -4.01 1.75 10.11
C LEU A 113 -5.50 1.28 10.19
N PHE A 114 -6.24 1.72 11.19
CA PHE A 114 -7.69 1.31 11.27
C PHE A 114 -8.44 1.73 10.00
N GLN A 115 -8.25 2.98 9.59
CA GLN A 115 -8.87 3.48 8.38
C GLN A 115 -8.47 2.72 7.12
N LEU A 116 -7.19 2.40 6.97
CA LEU A 116 -6.78 1.68 5.80
C LEU A 116 -7.32 0.26 5.77
N LEU A 117 -7.42 -0.39 6.93
CA LEU A 117 -8.03 -1.71 6.99
C LEU A 117 -9.53 -1.69 6.67
N GLN A 118 -10.24 -0.62 7.07
CA GLN A 118 -11.67 -0.41 6.60
C GLN A 118 -11.75 -0.31 5.11
N GLY A 119 -10.78 0.39 4.51
CA GLY A 119 -10.83 0.52 3.07
C GLY A 119 -10.51 -0.79 2.37
N LEU A 120 -9.50 -1.51 2.87
CA LEU A 120 -9.13 -2.80 2.27
C LEU A 120 -10.27 -3.84 2.49
N ALA A 121 -10.88 -3.86 3.66
CA ALA A 121 -12.04 -4.76 3.93
C ALA A 121 -13.13 -4.52 2.91
N PHE A 122 -13.46 -3.26 2.68
CA PHE A 122 -14.37 -2.95 1.56
C PHE A 122 -13.93 -3.49 0.18
N CYS A 123 -12.70 -3.13 -0.27
CA CYS A 123 -12.21 -3.61 -1.56
C CYS A 123 -12.21 -5.12 -1.68
N HIS A 124 -11.67 -5.74 -0.64
CA HIS A 124 -11.50 -7.17 -0.63
C HIS A 124 -12.86 -7.87 -0.67
N SER A 125 -13.88 -7.34 0.03
CA SER A 125 -15.23 -7.94 0.00
C SER A 125 -15.90 -7.71 -1.37
N HIS A 126 -15.41 -6.73 -2.15
CA HIS A 126 -15.92 -6.54 -3.54
C HIS A 126 -14.96 -7.06 -4.58
N ARG A 127 -14.16 -8.08 -4.18
CA ARG A 127 -13.24 -8.80 -5.04
C ARG A 127 -12.27 -7.88 -5.81
N VAL A 128 -11.69 -6.88 -5.15
CA VAL A 128 -10.67 -6.01 -5.77
C VAL A 128 -9.44 -5.95 -4.87
N LEU A 129 -8.27 -6.09 -5.47
CA LEU A 129 -7.03 -6.07 -4.76
C LEU A 129 -6.25 -4.87 -5.27
N HIS A 130 -5.49 -4.25 -4.40
CA HIS A 130 -4.74 -3.09 -4.78
C HIS A 130 -3.47 -3.57 -5.46
N ARG A 131 -2.68 -4.41 -4.79
CA ARG A 131 -1.45 -5.04 -5.31
C ARG A 131 -0.23 -4.14 -5.41
N ASP A 132 -0.33 -2.84 -5.23
CA ASP A 132 0.89 -2.01 -5.27
C ASP A 132 0.88 -1.01 -4.15
N LEU A 133 0.42 -1.42 -2.98
CA LEU A 133 0.34 -0.50 -1.87
C LEU A 133 1.74 -0.06 -1.40
N LYS A 134 1.87 1.24 -1.12
CA LYS A 134 3.14 1.84 -0.67
C LYS A 134 2.83 3.23 -0.08
N PRO A 135 3.73 3.79 0.75
CA PRO A 135 3.41 5.05 1.42
C PRO A 135 3.04 6.18 0.45
N GLN A 136 3.67 6.18 -0.72
CA GLN A 136 3.40 7.19 -1.77
C GLN A 136 1.98 7.10 -2.35
N ASN A 137 1.29 5.98 -2.22
CA ASN A 137 -0.10 5.81 -2.72
C ASN A 137 -1.11 6.02 -1.63
N LEU A 138 -0.67 6.49 -0.47
CA LEU A 138 -1.62 6.66 0.65
C LEU A 138 -1.70 8.15 0.91
N LEU A 139 -2.89 8.71 0.73
CA LEU A 139 -3.06 10.19 0.80
C LEU A 139 -3.72 10.63 2.08
N ILE A 140 -3.28 11.78 2.62
CA ILE A 140 -3.81 12.26 3.89
C ILE A 140 -4.37 13.72 3.74
N ASN A 141 -5.33 14.09 4.61
CA ASN A 141 -5.82 15.47 4.62
C ASN A 141 -5.63 16.09 6.00
N THR A 142 -5.98 17.33 6.18
CA THR A 142 -5.86 18.01 7.48
C THR A 142 -7.10 17.64 8.37
N GLU A 143 -7.87 16.65 7.99
CA GLU A 143 -9.05 16.25 8.83
C GLU A 143 -8.87 14.94 9.57
N GLY A 144 -7.67 14.36 9.45
CA GLY A 144 -7.35 13.11 10.04
C GLY A 144 -7.63 11.88 9.19
N ALA A 145 -8.06 12.08 7.93
CA ALA A 145 -8.38 10.98 7.04
C ALA A 145 -7.13 10.45 6.30
N ILE A 146 -7.13 9.16 6.00
CA ILE A 146 -6.15 8.61 5.07
C ILE A 146 -6.91 7.71 4.08
N LYS A 147 -6.47 7.72 2.83
CA LYS A 147 -7.17 6.98 1.76
C LYS A 147 -6.18 6.35 0.82
N LEU A 148 -6.61 5.20 0.34
CA LEU A 148 -5.92 4.38 -0.65
C LEU A 148 -6.04 4.94 -2.06
N ALA A 149 -4.92 5.19 -2.73
CA ALA A 149 -4.95 5.73 -4.08
C ALA A 149 -4.24 4.82 -5.05
N ASP A 150 -4.45 5.06 -6.35
CA ASP A 150 -3.60 4.39 -7.40
C ASP A 150 -3.74 2.87 -7.54
N PHE A 151 -4.96 2.36 -7.51
CA PHE A 151 -5.23 0.93 -7.67
C PHE A 151 -4.82 0.28 -9.01
N VAL A 169 10.96 1.97 -4.05
CA VAL A 169 10.53 0.85 -4.84
C VAL A 169 9.20 0.28 -4.34
N THR A 170 8.51 -0.36 -5.27
CA THR A 170 7.32 -1.09 -4.95
C THR A 170 7.70 -2.40 -4.28
N LEU A 171 8.90 -2.89 -4.68
CA LEU A 171 9.60 -4.04 -4.12
C LEU A 171 9.54 -4.10 -2.63
N TRP A 172 9.84 -2.98 -1.99
CA TRP A 172 10.00 -2.99 -0.52
C TRP A 172 8.69 -3.49 0.18
N TYR A 173 7.59 -3.41 -0.53
CA TYR A 173 6.24 -3.70 0.17
C TYR A 173 5.60 -4.93 -0.40
N ARG A 174 6.36 -5.58 -1.28
CA ARG A 174 5.82 -6.75 -2.01
C ARG A 174 5.73 -8.02 -1.17
N ALA A 175 4.55 -8.68 -1.16
CA ALA A 175 4.38 -9.95 -0.43
C ALA A 175 5.33 -11.07 -0.93
N PRO A 176 5.75 -11.98 -0.04
CA PRO A 176 6.70 -12.99 -0.45
C PRO A 176 6.18 -13.97 -1.55
N GLU A 177 4.86 -14.21 -1.57
CA GLU A 177 4.34 -15.06 -2.60
C GLU A 177 4.50 -14.42 -3.98
N ILE A 178 4.40 -13.10 -4.08
CA ILE A 178 4.63 -12.43 -5.32
C ILE A 178 6.14 -12.50 -5.71
N LEU A 179 7.04 -12.25 -4.78
CA LEU A 179 8.50 -12.29 -5.05
C LEU A 179 8.92 -13.69 -5.43
N LEU A 180 8.22 -14.71 -4.91
CA LEU A 180 8.61 -16.05 -5.24
C LEU A 180 7.94 -16.60 -6.51
N GLY A 181 7.12 -15.77 -7.15
CA GLY A 181 6.51 -16.07 -8.45
C GLY A 181 5.20 -16.83 -8.40
N ALA A 182 4.40 -16.69 -7.34
CA ALA A 182 3.07 -17.30 -7.40
C ALA A 182 2.32 -16.82 -8.65
N LYS A 183 1.72 -17.76 -9.38
CA LYS A 183 0.86 -17.42 -10.52
C LYS A 183 -0.48 -16.76 -10.08
N TYR A 184 -1.03 -17.17 -8.95
CA TYR A 184 -2.28 -16.58 -8.46
C TYR A 184 -2.04 -16.02 -7.09
N TYR A 185 -2.34 -14.76 -6.92
CA TYR A 185 -2.24 -14.19 -5.59
C TYR A 185 -3.60 -13.67 -5.14
N SER A 186 -3.71 -13.44 -3.83
CA SER A 186 -4.97 -13.21 -3.16
C SER A 186 -4.95 -11.86 -2.51
N THR A 187 -6.06 -11.53 -1.87
CA THR A 187 -6.20 -10.27 -1.12
C THR A 187 -5.14 -10.17 -0.01
N ALA A 188 -4.68 -11.30 0.47
CA ALA A 188 -3.61 -11.31 1.46
C ALA A 188 -2.32 -10.53 1.03
N VAL A 189 -2.10 -10.32 -0.26
CA VAL A 189 -0.90 -9.51 -0.66
C VAL A 189 -1.04 -8.06 -0.21
N ASP A 190 -2.29 -7.57 -0.05
CA ASP A 190 -2.43 -6.21 0.44
C ASP A 190 -2.22 -6.05 1.91
N ILE A 191 -2.61 -7.05 2.69
CA ILE A 191 -2.32 -7.07 4.10
C ILE A 191 -0.83 -7.07 4.37
N TRP A 192 -0.11 -7.91 3.66
CA TRP A 192 1.36 -7.86 3.80
C TRP A 192 1.86 -6.41 3.63
N SER A 193 1.48 -5.73 2.55
CA SER A 193 1.97 -4.40 2.22
C SER A 193 1.61 -3.45 3.31
N LEU A 194 0.33 -3.50 3.79
CA LEU A 194 -0.02 -2.64 4.82
C LEU A 194 0.78 -2.89 6.11
N GLY A 195 1.05 -4.15 6.41
CA GLY A 195 1.87 -4.46 7.57
C GLY A 195 3.25 -3.83 7.46
N CYS A 196 3.81 -3.82 6.25
CA CYS A 196 5.18 -3.22 6.10
C CYS A 196 5.07 -1.73 6.32
N ILE A 197 3.88 -1.16 6.01
CA ILE A 197 3.73 0.29 6.07
C ILE A 197 3.56 0.65 7.53
N PHE A 198 2.71 -0.11 8.23
CA PHE A 198 2.55 -0.03 9.71
C PHE A 198 3.91 0.00 10.40
N ALA A 199 4.77 -0.94 10.05
CA ALA A 199 6.14 -1.02 10.70
C ALA A 199 6.96 0.23 10.45
N GLU A 200 6.81 0.74 9.25
CA GLU A 200 7.56 1.91 8.77
C GLU A 200 7.09 3.19 9.49
N MET A 201 5.77 3.34 9.71
CA MET A 201 5.26 4.44 10.51
C MET A 201 5.82 4.39 11.93
N VAL A 202 5.96 3.20 12.51
CA VAL A 202 6.41 3.03 13.89
C VAL A 202 7.96 3.34 13.99
N THR A 203 8.70 2.82 13.05
CA THR A 203 10.20 2.82 13.23
C THR A 203 10.88 3.97 12.50
N ARG A 204 10.08 4.61 11.63
CA ARG A 204 10.50 5.71 10.74
C ARG A 204 11.59 5.31 9.78
N ARG A 205 11.58 4.04 9.37
CA ARG A 205 12.47 3.49 8.33
C ARG A 205 11.76 2.32 7.65
N ALA A 206 11.98 2.08 6.36
CA ALA A 206 11.32 0.96 5.65
C ALA A 206 11.72 -0.37 6.28
N LEU A 207 10.78 -1.31 6.39
CA LEU A 207 11.08 -2.51 7.13
C LEU A 207 12.03 -3.42 6.35
N PHE A 208 11.84 -3.50 5.02
CA PHE A 208 12.49 -4.46 4.19
C PHE A 208 13.01 -3.70 2.96
N PRO A 209 14.10 -2.93 3.12
CA PRO A 209 14.43 -2.06 1.98
C PRO A 209 15.40 -2.74 1.04
N GLY A 210 14.91 -3.74 0.32
CA GLY A 210 15.74 -4.54 -0.59
C GLY A 210 16.53 -3.74 -1.64
N ASP A 211 17.84 -4.03 -1.77
CA ASP A 211 18.72 -3.47 -2.86
C ASP A 211 18.71 -4.31 -4.19
N SER A 212 18.00 -5.43 -4.14
CA SER A 212 17.80 -6.32 -5.29
C SER A 212 16.60 -7.18 -4.98
N GLU A 213 16.16 -7.99 -5.93
CA GLU A 213 14.99 -8.84 -5.63
C GLU A 213 15.34 -10.01 -4.66
N ILE A 214 16.60 -10.43 -4.72
CA ILE A 214 17.14 -11.42 -3.80
C ILE A 214 17.43 -10.80 -2.44
N ASP A 215 18.07 -9.62 -2.44
CA ASP A 215 18.23 -8.88 -1.19
C ASP A 215 16.82 -8.65 -0.52
N GLN A 216 15.81 -8.35 -1.31
CA GLN A 216 14.42 -8.19 -0.77
C GLN A 216 14.00 -9.43 0.00
N LEU A 217 14.13 -10.60 -0.65
CA LEU A 217 13.87 -11.89 0.00
C LEU A 217 14.72 -12.13 1.21
N PHE A 218 16.01 -11.82 1.12
CA PHE A 218 16.91 -12.11 2.21
C PHE A 218 16.62 -11.27 3.42
N ARG A 219 16.29 -10.00 3.17
CA ARG A 219 15.90 -9.10 4.24
C ARG A 219 14.62 -9.61 5.01
N ILE A 220 13.69 -10.20 4.25
CA ILE A 220 12.48 -10.81 4.85
C ILE A 220 12.91 -12.03 5.63
N PHE A 221 13.79 -12.88 5.06
CA PHE A 221 14.14 -14.17 5.66
C PHE A 221 14.90 -13.96 6.94
N ARG A 222 15.81 -12.99 6.91
CA ARG A 222 16.57 -12.65 8.09
C ARG A 222 15.74 -12.12 9.29
N THR A 223 14.53 -11.63 9.01
CA THR A 223 13.66 -11.12 10.03
C THR A 223 12.64 -12.19 10.44
N LEU A 224 11.93 -12.74 9.46
CA LEU A 224 10.89 -13.72 9.75
C LEU A 224 11.41 -15.15 9.78
N GLY A 225 12.68 -15.39 9.39
CA GLY A 225 13.14 -16.78 9.30
C GLY A 225 12.98 -17.22 7.85
N THR A 226 13.91 -18.05 7.41
CA THR A 226 13.87 -18.68 6.11
C THR A 226 12.69 -19.62 6.05
N PRO A 227 11.79 -19.41 5.06
CA PRO A 227 10.57 -20.24 5.05
C PRO A 227 10.89 -21.69 4.60
N ASP A 228 10.10 -22.64 5.09
CA ASP A 228 10.20 -24.08 4.69
C ASP A 228 8.77 -24.60 4.60
N GLU A 229 8.60 -25.86 4.19
CA GLU A 229 7.23 -26.46 4.10
C GLU A 229 6.43 -26.50 5.39
N VAL A 230 7.11 -26.49 6.54
CA VAL A 230 6.34 -26.44 7.76
C VAL A 230 5.74 -25.09 8.00
N VAL A 231 6.58 -24.06 7.93
CA VAL A 231 6.11 -22.72 8.25
C VAL A 231 5.17 -22.26 7.13
N TRP A 232 5.47 -22.65 5.89
CA TRP A 232 4.67 -22.21 4.77
C TRP A 232 4.46 -23.40 3.81
N PRO A 233 3.39 -24.16 4.05
CA PRO A 233 3.04 -25.29 3.16
C PRO A 233 2.79 -24.80 1.76
N GLY A 234 3.54 -25.33 0.80
CA GLY A 234 3.37 -24.92 -0.59
C GLY A 234 4.44 -23.94 -1.06
N VAL A 235 5.28 -23.46 -0.15
CA VAL A 235 6.39 -22.56 -0.54
C VAL A 235 7.29 -23.23 -1.58
N THR A 236 7.52 -24.53 -1.39
CA THR A 236 8.38 -25.33 -2.30
C THR A 236 7.95 -25.42 -3.76
N SER A 237 6.67 -25.16 -4.05
CA SER A 237 6.14 -25.14 -5.40
C SER A 237 6.30 -23.80 -6.07
N MET A 238 6.59 -22.76 -5.31
CA MET A 238 6.82 -21.45 -5.88
C MET A 238 7.95 -21.51 -6.93
N PRO A 239 7.73 -20.94 -8.14
CA PRO A 239 8.71 -20.96 -9.22
C PRO A 239 10.08 -20.52 -8.75
N ASP A 240 10.18 -19.51 -7.87
CA ASP A 240 11.49 -18.98 -7.48
C ASP A 240 12.00 -19.49 -6.17
N TYR A 241 11.32 -20.47 -5.63
CA TYR A 241 11.77 -21.02 -4.39
C TYR A 241 13.07 -21.82 -4.64
N LYS A 242 14.04 -21.70 -3.71
CA LYS A 242 15.35 -22.40 -3.81
C LYS A 242 15.69 -23.07 -2.51
N PRO A 243 15.82 -24.43 -2.51
CA PRO A 243 16.28 -25.17 -1.33
C PRO A 243 17.63 -24.63 -0.80
N SER A 244 18.37 -23.93 -1.67
CA SER A 244 19.70 -23.47 -1.35
C SER A 244 19.70 -22.10 -0.62
N PHE A 245 18.51 -21.52 -0.39
CA PHE A 245 18.44 -20.27 0.40
C PHE A 245 19.23 -20.49 1.70
N PRO A 246 20.01 -19.50 2.13
CA PRO A 246 20.53 -19.52 3.50
C PRO A 246 19.40 -19.64 4.58
N LYS A 247 19.75 -20.29 5.70
CA LYS A 247 18.81 -20.53 6.78
C LYS A 247 19.09 -19.54 7.92
N TRP A 248 18.17 -18.59 8.06
CA TRP A 248 18.08 -17.67 9.19
C TRP A 248 16.95 -18.06 10.11
N ALA A 249 17.09 -17.66 11.35
CA ALA A 249 16.07 -17.91 12.34
C ALA A 249 15.21 -16.68 12.45
N ARG A 250 13.96 -16.85 12.86
CA ARG A 250 13.07 -15.73 13.00
C ARG A 250 13.44 -14.84 14.17
N GLN A 251 13.35 -13.50 14.02
CA GLN A 251 13.60 -12.57 15.14
C GLN A 251 12.34 -12.18 15.88
N ASP A 252 12.46 -11.87 17.17
CA ASP A 252 11.34 -11.42 17.98
C ASP A 252 10.86 -10.06 17.45
N PHE A 253 9.56 -9.85 17.45
CA PHE A 253 9.10 -8.56 16.86
C PHE A 253 9.45 -7.32 17.70
N SER A 254 9.72 -7.53 19.00
CA SER A 254 10.18 -6.44 19.83
C SER A 254 11.52 -5.88 19.24
N LYS A 255 12.25 -6.68 18.48
CA LYS A 255 13.46 -6.15 17.82
C LYS A 255 13.18 -5.42 16.48
N VAL A 256 12.19 -5.91 15.76
CA VAL A 256 11.73 -5.40 14.50
C VAL A 256 10.99 -4.06 14.59
N VAL A 257 10.10 -3.89 15.56
CA VAL A 257 9.38 -2.65 15.68
C VAL A 257 9.48 -2.06 17.09
N PRO A 258 10.70 -1.78 17.59
CA PRO A 258 10.67 -1.04 18.85
C PRO A 258 10.10 0.40 18.55
N PRO A 259 9.30 0.92 19.44
CA PRO A 259 8.94 0.30 20.69
C PRO A 259 7.41 0.07 20.72
N LEU A 260 6.83 -0.43 19.65
CA LEU A 260 5.42 -0.73 19.62
C LEU A 260 5.03 -1.67 20.75
N ASP A 261 3.88 -1.41 21.35
CA ASP A 261 3.38 -2.28 22.40
C ASP A 261 3.08 -3.72 21.92
N GLU A 262 2.83 -4.63 22.85
CA GLU A 262 2.52 -6.04 22.49
C GLU A 262 1.24 -6.23 21.65
N ASP A 263 0.18 -5.45 21.88
CA ASP A 263 -1.00 -5.47 20.98
C ASP A 263 -0.66 -5.19 19.51
N GLY A 264 0.13 -4.16 19.30
CA GLY A 264 0.64 -3.74 17.98
C GLY A 264 1.52 -4.82 17.36
N ARG A 265 2.43 -5.35 18.15
CA ARG A 265 3.36 -6.37 17.55
C ARG A 265 2.58 -7.63 17.21
N SER A 266 1.64 -7.98 18.08
CA SER A 266 0.82 -9.13 17.85
C SER A 266 0.04 -9.02 16.52
N LEU A 267 -0.61 -7.87 16.31
CA LEU A 267 -1.27 -7.62 15.04
C LEU A 267 -0.24 -7.60 13.87
N LEU A 268 0.86 -6.86 14.02
CA LEU A 268 1.83 -6.81 12.93
C LEU A 268 2.26 -8.23 12.50
N SER A 269 2.56 -9.09 13.48
CA SER A 269 2.96 -10.48 13.18
C SER A 269 1.97 -11.30 12.32
N GLN A 270 0.68 -11.13 12.59
CA GLN A 270 -0.35 -11.78 11.86
C GLN A 270 -0.50 -11.16 10.48
N MET A 271 -0.15 -9.88 10.32
CA MET A 271 -0.25 -9.30 9.01
C MET A 271 0.97 -9.73 8.19
N LEU A 272 2.02 -10.16 8.85
CA LEU A 272 3.22 -10.56 8.12
C LEU A 272 3.46 -12.10 8.12
N HIS A 273 2.40 -12.90 8.32
CA HIS A 273 2.58 -14.38 8.23
C HIS A 273 3.04 -14.73 6.81
N TYR A 274 3.99 -15.65 6.69
CA TYR A 274 4.41 -16.11 5.35
C TYR A 274 3.23 -16.69 4.52
N ASP A 275 2.44 -17.54 5.16
CA ASP A 275 1.40 -18.29 4.47
C ASP A 275 0.25 -17.38 4.22
N PRO A 276 -0.08 -17.09 2.95
CA PRO A 276 -1.17 -16.16 2.68
C PRO A 276 -2.51 -16.70 3.31
N ASN A 277 -2.62 -18.01 3.51
CA ASN A 277 -3.83 -18.54 4.22
C ASN A 277 -3.88 -18.32 5.74
N LYS A 278 -2.74 -18.08 6.35
CA LYS A 278 -2.72 -17.82 7.78
C LYS A 278 -2.68 -16.35 8.04
N ARG A 279 -2.19 -15.55 7.07
CA ARG A 279 -2.22 -14.07 7.16
C ARG A 279 -3.62 -13.57 7.51
N ILE A 280 -3.70 -12.68 8.47
CA ILE A 280 -4.99 -12.11 8.95
C ILE A 280 -5.74 -11.40 7.84
N SER A 281 -7.09 -11.49 7.85
CA SER A 281 -7.88 -10.72 6.88
C SER A 281 -8.10 -9.29 7.40
N ALA A 282 -8.40 -8.37 6.48
CA ALA A 282 -8.66 -7.00 6.89
C ALA A 282 -9.88 -7.00 7.85
N LYS A 283 -10.90 -7.81 7.56
CA LYS A 283 -12.10 -7.76 8.47
C LYS A 283 -11.72 -8.32 9.84
N ALA A 284 -10.92 -9.41 9.87
CA ALA A 284 -10.49 -9.86 11.18
C ALA A 284 -9.59 -8.88 11.92
N ALA A 285 -8.70 -8.19 11.18
CA ALA A 285 -7.77 -7.24 11.80
C ALA A 285 -8.55 -6.11 12.47
N LEU A 286 -9.66 -5.70 11.88
CA LEU A 286 -10.44 -4.62 12.53
C LEU A 286 -10.92 -4.94 13.97
N ALA A 287 -10.96 -6.23 14.32
CA ALA A 287 -11.44 -6.70 15.66
C ALA A 287 -10.29 -6.91 16.64
N HIS A 288 -9.05 -6.73 16.20
CA HIS A 288 -7.89 -6.92 17.03
C HIS A 288 -7.92 -5.96 18.24
N PRO A 289 -7.48 -6.42 19.45
CA PRO A 289 -7.40 -5.48 20.59
C PRO A 289 -6.46 -4.28 20.41
N PHE A 290 -5.54 -4.29 19.43
CA PHE A 290 -4.77 -3.02 19.17
C PHE A 290 -5.71 -1.84 18.96
N PHE A 291 -6.91 -2.09 18.43
CA PHE A 291 -7.82 -1.00 18.10
C PHE A 291 -8.75 -0.61 19.21
N GLN A 292 -8.50 -1.12 20.41
CA GLN A 292 -9.41 -0.85 21.52
C GLN A 292 -9.57 0.63 21.87
N ASP A 293 -8.47 1.37 21.80
CA ASP A 293 -8.50 2.77 22.20
C ASP A 293 -8.30 3.71 21.00
N VAL A 294 -8.72 3.28 19.81
CA VAL A 294 -8.61 4.08 18.59
C VAL A 294 -9.46 5.36 18.64
N THR A 295 -8.88 6.46 18.18
CA THR A 295 -9.56 7.73 18.08
C THR A 295 -9.21 8.34 16.72
N LYS A 296 -9.43 9.64 16.59
CA LYS A 296 -9.13 10.34 15.33
C LYS A 296 -8.27 11.59 15.52
N PRO A 297 -6.97 11.42 15.78
CA PRO A 297 -6.16 12.64 15.77
C PRO A 297 -6.04 13.26 14.40
N VAL A 298 -5.76 14.54 14.40
CA VAL A 298 -5.49 15.24 13.17
C VAL A 298 -3.96 15.51 13.04
N PRO A 299 -3.37 15.30 11.86
CA PRO A 299 -1.96 15.70 11.83
C PRO A 299 -1.81 17.22 11.61
N HIS A 300 -0.65 17.72 12.01
CA HIS A 300 -0.31 19.10 11.74
C HIS A 300 0.49 19.13 10.42
N LEU A 301 -0.18 19.61 9.39
CA LEU A 301 0.42 19.75 8.07
C LEU A 301 0.58 21.24 7.75
N ARG A 302 1.60 21.58 6.95
CA ARG A 302 1.71 22.97 6.50
C ARG A 302 1.67 22.93 4.99
N LEU A 303 0.53 23.34 4.42
CA LEU A 303 0.34 23.26 2.99
C LEU A 303 0.91 24.51 2.28
N1 9Z2 B . 0.52 12.16 -4.95
C2 9Z2 B . -6.53 7.88 -8.87
C4 9Z2 B . -1.99 9.93 -7.90
C5 9Z2 B . -1.07 10.63 -7.11
C6 9Z2 B . -3.85 10.97 -6.74
O 9Z2 B . -3.23 8.26 -9.78
C 9Z2 B . -4.27 8.65 -9.36
C1 9Z2 B . -5.49 8.07 -9.98
N 9Z2 B . -4.40 9.52 -8.38
C3 9Z2 B . -3.38 10.11 -7.71
C7 9Z2 B . -2.93 11.67 -5.99
C8 9Z2 B . -1.57 11.51 -6.14
C9 9Z2 B . -0.80 12.37 -5.23
N2 9Z2 B . -1.48 13.44 -4.70
C12 9Z2 B . -0.88 14.30 -3.85
C11 9Z2 B . 0.47 14.08 -3.53
C10 9Z2 B . 1.15 12.98 -4.10
#